data_6I6B
#
_entry.id   6I6B
#
_cell.length_a   47.899
_cell.length_b   103.750
_cell.length_c   101.588
_cell.angle_alpha   90.000
_cell.angle_beta   90.000
_cell.angle_gamma   90.000
#
_symmetry.space_group_name_H-M   'C 2 2 21'
#
loop_
_entity.id
_entity.type
_entity.pdbx_description
1 polymer 'ER lumen protein-retaining receptor 2'
2 non-polymer '(2R)-2,3-dihydroxypropyl (9Z)-octadec-9-enoate'
3 water water
#
_entity_poly.entity_id   1
_entity_poly.type   'polypeptide(L)'
_entity_poly.pdbx_seq_one_letter_code
;MNIFRLTGDLSHLAAIIILLLKIWKSRSCAGISGKSQLLFALVFTTRYLDLFTSFISLYNTSMKLIYIACSYATVYLIYM
KFKATYDGNHDTFRVEFLIVPVGGLSFLVNHDFSPLEILWTFSIYLESVAILPQLFMISKTGEAETITTHYLFFLGLYRA
LYLVNWIWRYYFEGFFDLIAVVAGVVQTVLYCDFFYLYVTKVL
;
_entity_poly.pdbx_strand_id   A
#
loop_
_chem_comp.id
_chem_comp.type
_chem_comp.name
_chem_comp.formula
OLC non-polymer '(2R)-2,3-dihydroxypropyl (9Z)-octadec-9-enoate' 'C21 H40 O4'
#
# COMPACT_ATOMS: atom_id res chain seq x y z
N MET A 1 -11.29 -17.51 2.53
CA MET A 1 -10.18 -17.08 3.35
C MET A 1 -9.23 -18.24 3.66
N ASN A 2 -7.93 -18.01 3.47
CA ASN A 2 -6.91 -19.01 3.74
C ASN A 2 -5.82 -18.39 4.61
N ILE A 3 -4.82 -19.20 4.96
CA ILE A 3 -3.81 -18.77 5.91
C ILE A 3 -2.81 -17.79 5.28
N PHE A 4 -2.62 -17.86 3.96
CA PHE A 4 -1.60 -17.02 3.34
C PHE A 4 -2.12 -15.63 3.04
N ARG A 5 -3.41 -15.49 2.71
CA ARG A 5 -4.02 -14.16 2.70
C ARG A 5 -4.14 -13.62 4.11
N LEU A 6 -4.38 -14.49 5.08
CA LEU A 6 -4.45 -14.08 6.48
C LEU A 6 -3.12 -13.53 6.95
N THR A 7 -2.05 -14.34 6.86
CA THR A 7 -0.74 -13.89 7.30
C THR A 7 -0.20 -12.76 6.44
N GLY A 8 -0.55 -12.75 5.15
CA GLY A 8 -0.13 -11.66 4.28
C GLY A 8 -0.73 -10.33 4.70
N ASP A 9 -2.01 -10.34 5.10
CA ASP A 9 -2.63 -9.13 5.61
C ASP A 9 -2.03 -8.72 6.95
N LEU A 10 -1.74 -9.68 7.81
CA LEU A 10 -1.08 -9.37 9.08
C LEU A 10 0.33 -8.86 8.84
N SER A 11 1.04 -9.44 7.88
CA SER A 11 2.35 -8.91 7.50
C SER A 11 2.21 -7.51 6.91
N HIS A 12 1.18 -7.28 6.09
CA HIS A 12 0.89 -5.94 5.63
C HIS A 12 0.58 -5.00 6.79
N LEU A 13 -0.14 -5.50 7.79
CA LEU A 13 -0.47 -4.67 8.94
C LEU A 13 0.77 -4.39 9.79
N ALA A 14 1.64 -5.39 9.96
CA ALA A 14 2.82 -5.21 10.79
C ALA A 14 3.72 -4.09 10.26
N ALA A 15 3.90 -4.04 8.94
CA ALA A 15 4.73 -2.99 8.36
C ALA A 15 4.13 -1.61 8.57
N ILE A 16 2.80 -1.50 8.45
CA ILE A 16 2.14 -0.22 8.66
C ILE A 16 2.32 0.25 10.11
N ILE A 17 2.21 -0.69 11.06
CA ILE A 17 2.42 -0.33 12.46
C ILE A 17 3.87 0.07 12.71
N ILE A 18 4.81 -0.62 12.06
CA ILE A 18 6.22 -0.31 12.25
C ILE A 18 6.52 1.12 11.79
N LEU A 19 6.00 1.49 10.61
CA LEU A 19 6.21 2.84 10.11
C LEU A 19 5.49 3.87 10.98
N LEU A 20 4.27 3.56 11.41
CA LEU A 20 3.52 4.49 12.24
C LEU A 20 4.18 4.69 13.60
N LEU A 21 4.67 3.60 14.20
CA LEU A 21 5.34 3.72 15.49
C LEU A 21 6.72 4.34 15.36
N LYS A 22 7.42 4.08 14.24
CA LYS A 22 8.73 4.68 14.05
C LYS A 22 8.63 6.20 13.90
N ILE A 23 7.66 6.67 13.12
CA ILE A 23 7.45 8.11 12.97
C ILE A 23 7.06 8.73 14.30
N TRP A 24 6.24 8.03 15.08
CA TRP A 24 5.75 8.59 16.33
C TRP A 24 6.86 8.73 17.37
N LYS A 25 7.67 7.67 17.53
CA LYS A 25 8.73 7.71 18.54
C LYS A 25 9.88 8.63 18.12
N SER A 26 10.33 8.51 16.87
CA SER A 26 11.39 9.38 16.38
C SER A 26 10.95 10.82 16.22
N ARG A 27 9.65 11.10 16.33
CA ARG A 27 9.10 12.43 16.11
C ARG A 27 9.54 12.97 14.75
N SER A 28 9.61 12.08 13.77
CA SER A 28 10.23 12.40 12.50
C SER A 28 9.62 11.54 11.40
N CYS A 29 9.40 12.15 10.23
CA CYS A 29 9.00 11.43 9.04
C CYS A 29 9.96 11.71 7.88
N ALA A 30 11.19 12.11 8.19
CA ALA A 30 12.16 12.43 7.15
C ALA A 30 12.47 11.21 6.30
N GLY A 31 12.52 11.42 4.98
CA GLY A 31 12.73 10.33 4.05
C GLY A 31 11.47 9.61 3.61
N ILE A 32 10.34 9.89 4.24
CA ILE A 32 9.06 9.28 3.88
C ILE A 32 8.34 10.19 2.91
N SER A 33 7.77 9.60 1.87
CA SER A 33 6.98 10.34 0.88
C SER A 33 5.53 10.32 1.34
N GLY A 34 5.02 11.48 1.77
CA GLY A 34 3.63 11.57 2.15
C GLY A 34 2.67 11.36 1.00
N LYS A 35 3.11 11.70 -0.22
CA LYS A 35 2.31 11.42 -1.40
C LYS A 35 2.03 9.92 -1.53
N SER A 36 3.05 9.09 -1.31
CA SER A 36 2.84 7.65 -1.32
CA SER A 36 2.84 7.65 -1.32
C SER A 36 1.91 7.22 -0.20
N GLN A 37 2.15 7.72 1.02
CA GLN A 37 1.28 7.39 2.14
C GLN A 37 -0.15 7.87 1.91
N LEU A 38 -0.31 9.01 1.23
CA LEU A 38 -1.65 9.47 0.87
C LEU A 38 -2.31 8.49 -0.11
N LEU A 39 -1.54 7.96 -1.06
CA LEU A 39 -2.09 7.03 -2.02
C LEU A 39 -2.51 5.72 -1.35
N PHE A 40 -1.68 5.20 -0.44
CA PHE A 40 -2.04 3.99 0.28
C PHE A 40 -3.26 4.21 1.17
N ALA A 41 -3.44 5.42 1.68
CA ALA A 41 -4.66 5.74 2.42
C ALA A 41 -5.86 5.86 1.49
N LEU A 42 -5.65 6.37 0.27
CA LEU A 42 -6.70 6.37 -0.72
C LEU A 42 -7.04 4.96 -1.18
N VAL A 43 -6.04 4.07 -1.20
CA VAL A 43 -6.29 2.67 -1.54
C VAL A 43 -7.26 2.06 -0.54
N PHE A 44 -6.96 2.18 0.75
CA PHE A 44 -7.86 1.63 1.77
C PHE A 44 -9.22 2.30 1.76
N THR A 45 -9.27 3.58 1.37
CA THR A 45 -10.54 4.30 1.35
C THR A 45 -11.45 3.75 0.25
N THR A 46 -10.92 3.57 -0.95
CA THR A 46 -11.72 3.07 -2.06
C THR A 46 -11.87 1.56 -2.05
N ARG A 47 -10.98 0.84 -1.35
CA ARG A 47 -11.11 -0.61 -1.27
C ARG A 47 -12.13 -1.02 -0.22
N TYR A 48 -12.21 -0.29 0.88
CA TYR A 48 -13.07 -0.62 2.01
C TYR A 48 -14.32 0.23 2.05
N LEU A 49 -14.75 0.78 0.91
CA LEU A 49 -16.04 1.44 0.84
C LEU A 49 -17.20 0.48 1.07
N ASP A 50 -16.94 -0.83 1.04
CA ASP A 50 -17.98 -1.80 1.34
C ASP A 50 -18.37 -1.84 2.82
N LEU A 51 -17.77 -0.99 3.66
CA LEU A 51 -18.19 -0.91 5.05
C LEU A 51 -19.53 -0.21 5.22
N PHE A 52 -19.88 0.68 4.29
CA PHE A 52 -21.15 1.39 4.32
C PHE A 52 -22.25 0.64 3.58
N THR A 53 -22.03 -0.62 3.24
CA THR A 53 -23.00 -1.37 2.45
C THR A 53 -23.07 -2.83 2.90
N SER A 54 -22.02 -3.33 3.56
CA SER A 54 -21.87 -4.76 3.78
C SER A 54 -20.96 -4.98 4.98
N PHE A 55 -21.51 -5.49 6.07
CA PHE A 55 -20.70 -5.92 7.21
C PHE A 55 -20.62 -7.44 7.18
N ILE A 56 -19.40 -7.95 6.99
CA ILE A 56 -19.19 -9.38 6.77
C ILE A 56 -18.91 -10.07 8.09
N SER A 57 -17.82 -9.69 8.74
CA SER A 57 -17.37 -10.33 9.96
C SER A 57 -16.77 -9.29 10.88
N LEU A 58 -16.69 -9.64 12.18
CA LEU A 58 -16.05 -8.75 13.13
C LEU A 58 -14.56 -8.63 12.84
N TYR A 59 -13.91 -9.75 12.52
CA TYR A 59 -12.50 -9.70 12.12
C TYR A 59 -12.33 -8.96 10.81
N ASN A 60 -13.24 -9.17 9.86
N ASN A 60 -13.24 -9.16 9.86
CA ASN A 60 -13.15 -8.49 8.57
CA ASN A 60 -13.15 -8.49 8.57
C ASN A 60 -13.35 -6.99 8.73
C ASN A 60 -13.37 -6.99 8.71
N THR A 61 -14.32 -6.58 9.57
CA THR A 61 -14.56 -5.17 9.77
C THR A 61 -13.42 -4.52 10.56
N SER A 62 -12.89 -5.22 11.55
CA SER A 62 -11.81 -4.65 12.37
C SER A 62 -10.56 -4.41 11.53
N MET A 63 -10.20 -5.35 10.66
CA MET A 63 -9.02 -5.18 9.82
C MET A 63 -9.16 -3.97 8.92
N LYS A 64 -10.35 -3.76 8.35
CA LYS A 64 -10.59 -2.59 7.51
C LYS A 64 -10.46 -1.31 8.34
N LEU A 65 -11.12 -1.27 9.50
CA LEU A 65 -11.04 -0.08 10.34
C LEU A 65 -9.64 0.15 10.85
N ILE A 66 -8.88 -0.91 11.12
CA ILE A 66 -7.51 -0.76 11.57
C ILE A 66 -6.62 -0.28 10.42
N TYR A 67 -6.77 -0.87 9.23
CA TYR A 67 -6.04 -0.41 8.06
C TYR A 67 -6.30 1.07 7.80
N ILE A 68 -7.57 1.47 7.83
CA ILE A 68 -7.92 2.85 7.53
C ILE A 68 -7.38 3.79 8.60
N ALA A 69 -7.60 3.45 9.87
CA ALA A 69 -7.14 4.32 10.95
C ALA A 69 -5.62 4.41 10.98
N CYS A 70 -4.93 3.33 10.63
CA CYS A 70 -3.48 3.32 10.76
C CYS A 70 -2.81 4.19 9.70
N SER A 71 -3.24 4.06 8.44
CA SER A 71 -2.65 4.87 7.37
C SER A 71 -3.17 6.31 7.38
N TYR A 72 -4.41 6.51 7.82
CA TYR A 72 -4.88 7.87 8.05
C TYR A 72 -4.04 8.57 9.11
N ALA A 73 -3.69 7.84 10.18
CA ALA A 73 -2.86 8.42 11.24
C ALA A 73 -1.46 8.71 10.73
N THR A 74 -0.93 7.85 9.87
CA THR A 74 0.38 8.11 9.27
C THR A 74 0.36 9.39 8.46
N VAL A 75 -0.73 9.62 7.71
CA VAL A 75 -0.85 10.86 6.94
C VAL A 75 -0.96 12.06 7.86
N TYR A 76 -1.71 11.93 8.96
CA TYR A 76 -1.79 13.01 9.93
C TYR A 76 -0.42 13.30 10.54
N LEU A 77 0.38 12.25 10.77
CA LEU A 77 1.71 12.41 11.35
C LEU A 77 2.74 12.96 10.38
N ILE A 78 2.40 13.07 9.10
CA ILE A 78 3.32 13.60 8.10
C ILE A 78 3.00 15.04 7.74
N TYR A 79 1.72 15.37 7.60
CA TYR A 79 1.33 16.67 7.05
C TYR A 79 0.87 17.68 8.09
N MET A 80 0.52 17.25 9.31
CA MET A 80 0.18 18.17 10.36
C MET A 80 1.25 18.07 11.43
N LYS A 81 1.14 17.17 12.40
CA LYS A 81 2.22 16.95 13.34
C LYS A 81 3.45 16.46 12.60
N PHE A 82 4.63 16.82 13.12
CA PHE A 82 5.92 16.42 12.58
C PHE A 82 6.10 16.86 11.12
N LYS A 83 5.29 17.82 10.66
CA LYS A 83 5.42 18.31 9.29
C LYS A 83 6.74 19.03 9.06
N ALA A 84 7.40 19.50 10.13
CA ALA A 84 8.70 20.12 9.98
C ALA A 84 9.78 19.14 9.54
N THR A 85 9.52 17.85 9.68
CA THR A 85 10.44 16.81 9.21
C THR A 85 10.05 16.24 7.86
N TYR A 86 8.89 16.63 7.32
CA TYR A 86 8.45 16.15 6.02
C TYR A 86 9.30 16.78 4.93
N ASP A 87 10.05 15.95 4.20
CA ASP A 87 10.91 16.42 3.12
C ASP A 87 10.07 16.61 1.85
N GLY A 88 9.25 17.67 1.89
CA GLY A 88 8.42 18.00 0.75
C GLY A 88 9.20 18.48 -0.46
N ASN A 89 10.41 18.98 -0.25
CA ASN A 89 11.24 19.43 -1.36
C ASN A 89 11.71 18.28 -2.24
N HIS A 90 11.68 17.05 -1.73
CA HIS A 90 12.06 15.87 -2.50
C HIS A 90 10.90 14.96 -2.85
N ASP A 91 9.85 14.94 -2.02
CA ASP A 91 8.60 14.25 -2.35
C ASP A 91 7.83 15.16 -3.32
N THR A 92 8.24 15.11 -4.59
CA THR A 92 7.73 16.03 -5.60
C THR A 92 7.28 15.29 -6.86
N PHE A 93 6.81 14.06 -6.69
CA PHE A 93 6.29 13.28 -7.82
C PHE A 93 4.92 13.82 -8.22
N ARG A 94 4.78 14.23 -9.47
CA ARG A 94 3.49 14.69 -9.98
C ARG A 94 2.52 13.52 -10.11
N VAL A 95 1.79 13.24 -9.03
CA VAL A 95 0.97 12.02 -8.96
C VAL A 95 -0.29 12.08 -9.81
N GLU A 96 -0.59 13.23 -10.43
CA GLU A 96 -1.76 13.28 -11.31
C GLU A 96 -1.55 12.41 -12.55
N PHE A 97 -0.30 12.22 -12.96
CA PHE A 97 0.03 11.31 -14.05
C PHE A 97 -0.05 9.85 -13.64
N LEU A 98 -0.46 9.57 -12.41
CA LEU A 98 -0.59 8.22 -11.89
C LEU A 98 -2.04 7.85 -11.60
N ILE A 99 -2.76 8.71 -10.89
CA ILE A 99 -4.16 8.42 -10.56
C ILE A 99 -5.05 8.52 -11.79
N VAL A 100 -4.74 9.43 -12.71
CA VAL A 100 -5.54 9.56 -13.93
C VAL A 100 -5.46 8.31 -14.80
N PRO A 101 -4.28 7.77 -15.11
CA PRO A 101 -4.27 6.49 -15.86
C PRO A 101 -4.85 5.34 -15.07
N VAL A 102 -4.56 5.26 -13.78
CA VAL A 102 -5.13 4.19 -12.94
C VAL A 102 -6.64 4.33 -12.88
N GLY A 103 -7.14 5.55 -12.70
CA GLY A 103 -8.58 5.77 -12.69
C GLY A 103 -9.21 5.40 -14.02
N GLY A 104 -8.58 5.83 -15.12
CA GLY A 104 -9.09 5.45 -16.43
C GLY A 104 -9.01 3.96 -16.69
N LEU A 105 -7.95 3.32 -16.19
CA LEU A 105 -7.80 1.88 -16.37
C LEU A 105 -8.88 1.12 -15.60
N SER A 106 -9.14 1.53 -14.35
CA SER A 106 -10.21 0.90 -13.59
C SER A 106 -11.58 1.18 -14.20
N PHE A 107 -11.71 2.30 -14.93
CA PHE A 107 -12.96 2.60 -15.62
C PHE A 107 -13.19 1.67 -16.80
N LEU A 108 -12.11 1.17 -17.41
CA LEU A 108 -12.19 0.38 -18.63
C LEU A 108 -11.99 -1.11 -18.40
N VAL A 109 -11.13 -1.50 -17.45
CA VAL A 109 -10.84 -2.89 -17.18
C VAL A 109 -11.30 -3.19 -15.75
N ASN A 110 -12.41 -3.93 -15.64
CA ASN A 110 -12.95 -4.33 -14.34
C ASN A 110 -13.75 -5.60 -14.52
N HIS A 111 -14.12 -6.21 -13.39
CA HIS A 111 -14.94 -7.41 -13.41
C HIS A 111 -16.42 -7.12 -13.55
N ASP A 112 -16.83 -5.87 -13.35
CA ASP A 112 -18.23 -5.47 -13.43
C ASP A 112 -18.29 -3.95 -13.40
N PHE A 113 -19.12 -3.37 -14.27
CA PHE A 113 -19.31 -1.92 -14.29
C PHE A 113 -20.33 -1.54 -13.21
N SER A 114 -19.88 -1.67 -11.96
CA SER A 114 -20.64 -1.34 -10.77
C SER A 114 -19.83 -0.35 -9.94
N PRO A 115 -20.48 0.61 -9.27
CA PRO A 115 -19.73 1.65 -8.56
C PRO A 115 -18.72 1.10 -7.55
N LEU A 116 -19.13 0.14 -6.72
CA LEU A 116 -18.21 -0.44 -5.74
C LEU A 116 -17.13 -1.27 -6.43
N GLU A 117 -17.48 -1.98 -7.50
CA GLU A 117 -16.48 -2.78 -8.21
C GLU A 117 -15.49 -1.90 -8.95
N ILE A 118 -15.92 -0.74 -9.46
CA ILE A 118 -14.99 0.18 -10.11
C ILE A 118 -14.00 0.73 -9.09
N LEU A 119 -14.51 1.12 -7.91
CA LEU A 119 -13.64 1.67 -6.89
C LEU A 119 -12.77 0.61 -6.22
N TRP A 120 -13.19 -0.66 -6.24
CA TRP A 120 -12.31 -1.73 -5.80
C TRP A 120 -11.20 -1.96 -6.82
N THR A 121 -11.55 -1.95 -8.11
CA THR A 121 -10.55 -2.10 -9.16
C THR A 121 -9.57 -0.93 -9.14
N PHE A 122 -10.07 0.28 -8.83
CA PHE A 122 -9.18 1.43 -8.70
C PHE A 122 -8.17 1.22 -7.58
N SER A 123 -8.63 0.72 -6.43
CA SER A 123 -7.72 0.49 -5.32
C SER A 123 -6.68 -0.58 -5.65
N ILE A 124 -7.06 -1.59 -6.44
CA ILE A 124 -6.11 -2.63 -6.80
C ILE A 124 -5.07 -2.09 -7.76
N TYR A 125 -5.48 -1.27 -8.72
CA TYR A 125 -4.53 -0.67 -9.65
C TYR A 125 -3.71 0.42 -8.98
N LEU A 126 -4.32 1.18 -8.06
CA LEU A 126 -3.60 2.26 -7.39
C LEU A 126 -2.54 1.72 -6.43
N GLU A 127 -2.88 0.61 -5.75
CA GLU A 127 -1.97 -0.01 -4.76
C GLU A 127 -0.72 -0.57 -5.47
N SER A 128 -0.84 -0.94 -6.75
CA SER A 128 0.29 -1.48 -7.49
C SER A 128 1.34 -0.43 -7.81
N VAL A 129 0.94 0.84 -7.91
CA VAL A 129 1.83 1.92 -8.27
C VAL A 129 1.96 2.97 -7.18
N ALA A 130 1.31 2.77 -6.02
CA ALA A 130 1.35 3.76 -4.96
C ALA A 130 2.75 3.96 -4.39
N ILE A 131 3.65 2.99 -4.59
CA ILE A 131 5.02 3.11 -4.09
C ILE A 131 5.88 4.00 -4.97
N LEU A 132 5.37 4.43 -6.13
CA LEU A 132 6.21 5.16 -7.08
C LEU A 132 6.72 6.50 -6.55
N PRO A 133 5.92 7.33 -5.86
CA PRO A 133 6.50 8.58 -5.31
C PRO A 133 7.59 8.35 -4.28
N GLN A 134 7.48 7.29 -3.48
CA GLN A 134 8.53 7.00 -2.50
C GLN A 134 9.80 6.53 -3.18
N LEU A 135 9.65 5.74 -4.26
CA LEU A 135 10.83 5.31 -5.01
C LEU A 135 11.50 6.49 -5.72
N PHE A 136 10.69 7.42 -6.24
CA PHE A 136 11.22 8.64 -6.81
C PHE A 136 12.02 9.43 -5.77
N MET A 137 11.53 9.45 -4.54
CA MET A 137 12.21 10.21 -3.48
C MET A 137 13.53 9.57 -3.09
N ILE A 138 13.57 8.25 -2.97
CA ILE A 138 14.79 7.57 -2.55
C ILE A 138 15.85 7.65 -3.62
N SER A 139 15.47 7.43 -4.88
CA SER A 139 16.46 7.47 -5.96
C SER A 139 17.07 8.86 -6.09
N LYS A 140 16.28 9.90 -5.82
CA LYS A 140 16.79 11.26 -5.92
C LYS A 140 17.80 11.56 -4.81
N THR A 141 17.42 11.32 -3.56
CA THR A 141 18.26 11.68 -2.43
C THR A 141 19.26 10.61 -2.04
N GLY A 142 18.97 9.34 -2.34
CA GLY A 142 19.75 8.25 -1.81
C GLY A 142 19.62 8.03 -0.32
N GLU A 143 18.72 8.75 0.35
CA GLU A 143 18.54 8.67 1.79
C GLU A 143 17.08 8.34 2.10
N ALA A 144 16.89 7.62 3.21
CA ALA A 144 15.56 7.28 3.71
C ALA A 144 15.65 7.02 5.20
N GLU A 145 15.72 8.10 5.98
CA GLU A 145 16.07 7.98 7.40
C GLU A 145 15.04 7.16 8.17
N THR A 146 13.76 7.47 7.98
CA THR A 146 12.71 6.81 8.76
C THR A 146 12.45 5.38 8.32
N ILE A 147 12.97 4.96 7.17
CA ILE A 147 12.71 3.62 6.66
C ILE A 147 13.69 2.65 7.32
N THR A 148 13.14 1.63 7.98
CA THR A 148 13.94 0.63 8.69
C THR A 148 13.84 -0.72 7.99
N THR A 149 14.87 -1.55 8.19
CA THR A 149 14.97 -2.81 7.46
C THR A 149 13.76 -3.71 7.71
N HIS A 150 13.32 -3.81 8.97
CA HIS A 150 12.20 -4.69 9.28
C HIS A 150 10.89 -4.16 8.71
N TYR A 151 10.78 -2.86 8.46
CA TYR A 151 9.62 -2.35 7.73
C TYR A 151 9.58 -2.92 6.31
N LEU A 152 10.75 -3.06 5.67
CA LEU A 152 10.79 -3.71 4.35
C LEU A 152 10.50 -5.20 4.47
N PHE A 153 10.99 -5.83 5.54
CA PHE A 153 10.82 -7.28 5.68
C PHE A 153 9.36 -7.68 5.67
N PHE A 154 8.52 -6.95 6.41
CA PHE A 154 7.09 -7.24 6.42
C PHE A 154 6.39 -6.72 5.18
N LEU A 155 7.02 -5.83 4.42
CA LEU A 155 6.51 -5.47 3.10
C LEU A 155 6.80 -6.56 2.08
N GLY A 156 7.99 -7.16 2.15
CA GLY A 156 8.32 -8.26 1.25
C GLY A 156 7.58 -9.53 1.64
N LEU A 157 7.51 -9.83 2.94
CA LEU A 157 6.74 -10.98 3.39
C LEU A 157 5.27 -10.84 3.02
N TYR A 158 4.76 -9.61 2.99
CA TYR A 158 3.37 -9.38 2.58
C TYR A 158 3.16 -9.73 1.12
N ARG A 159 4.03 -9.22 0.23
CA ARG A 159 3.89 -9.53 -1.18
C ARG A 159 4.20 -11.00 -1.46
N ALA A 160 5.16 -11.57 -0.73
CA ALA A 160 5.50 -12.98 -0.94
C ALA A 160 4.40 -13.91 -0.44
N LEU A 161 3.69 -13.51 0.62
CA LEU A 161 2.60 -14.34 1.10
C LEU A 161 1.38 -14.26 0.20
N TYR A 162 1.19 -13.13 -0.47
CA TYR A 162 0.13 -13.03 -1.48
C TYR A 162 0.49 -13.80 -2.74
N LEU A 163 1.79 -14.02 -2.99
CA LEU A 163 2.20 -14.95 -4.03
C LEU A 163 1.67 -16.35 -3.75
N VAL A 164 1.86 -16.83 -2.52
CA VAL A 164 1.32 -18.13 -2.14
C VAL A 164 -0.20 -18.09 -2.07
N ASN A 165 -0.77 -16.94 -1.67
CA ASN A 165 -2.22 -16.81 -1.62
C ASN A 165 -2.85 -17.03 -2.99
N TRP A 166 -2.20 -16.53 -4.04
CA TRP A 166 -2.73 -16.73 -5.38
C TRP A 166 -2.66 -18.20 -5.80
N ILE A 167 -1.62 -18.91 -5.37
CA ILE A 167 -1.44 -20.29 -5.78
C ILE A 167 -2.38 -21.21 -5.02
N TRP A 168 -2.43 -21.07 -3.69
CA TRP A 168 -3.34 -21.88 -2.89
C TRP A 168 -4.79 -21.64 -3.28
N ARG A 169 -5.13 -20.39 -3.60
CA ARG A 169 -6.49 -20.07 -4.00
C ARG A 169 -6.89 -20.80 -5.28
N TYR A 170 -5.98 -20.86 -6.26
CA TYR A 170 -6.33 -21.49 -7.52
C TYR A 170 -6.39 -23.01 -7.41
N TYR A 171 -5.43 -23.61 -6.70
CA TYR A 171 -5.34 -25.07 -6.69
C TYR A 171 -6.41 -25.69 -5.81
N PHE A 172 -6.83 -25.00 -4.75
CA PHE A 172 -7.80 -25.56 -3.82
C PHE A 172 -9.21 -25.00 -4.00
N GLU A 173 -9.39 -23.96 -4.81
CA GLU A 173 -10.71 -23.38 -5.04
C GLU A 173 -11.03 -23.11 -6.50
N GLY A 174 -10.07 -23.26 -7.41
CA GLY A 174 -10.31 -22.90 -8.79
C GLY A 174 -10.49 -21.43 -9.04
N PHE A 175 -10.18 -20.58 -8.05
CA PHE A 175 -10.36 -19.14 -8.16
C PHE A 175 -9.11 -18.50 -8.74
N PHE A 176 -9.30 -17.59 -9.69
CA PHE A 176 -8.20 -16.84 -10.28
C PHE A 176 -8.71 -15.46 -10.67
N ASP A 177 -7.96 -14.42 -10.30
CA ASP A 177 -8.33 -13.04 -10.58
C ASP A 177 -7.24 -12.42 -11.44
N LEU A 178 -7.51 -12.31 -12.74
CA LEU A 178 -6.51 -11.73 -13.66
C LEU A 178 -6.19 -10.29 -13.28
N ILE A 179 -7.19 -9.52 -12.86
CA ILE A 179 -6.98 -8.12 -12.54
C ILE A 179 -6.07 -7.99 -11.32
N ALA A 180 -6.37 -8.73 -10.25
CA ALA A 180 -5.58 -8.61 -9.03
C ALA A 180 -4.20 -9.20 -9.20
N VAL A 181 -4.09 -10.32 -9.91
CA VAL A 181 -2.80 -10.98 -10.07
C VAL A 181 -1.86 -10.11 -10.91
N VAL A 182 -2.36 -9.60 -12.04
CA VAL A 182 -1.52 -8.76 -12.90
C VAL A 182 -1.06 -7.52 -12.16
N ALA A 183 -1.99 -6.84 -11.48
CA ALA A 183 -1.61 -5.67 -10.68
C ALA A 183 -0.66 -6.06 -9.55
N GLY A 184 -0.86 -7.24 -8.97
CA GLY A 184 0.04 -7.71 -7.92
C GLY A 184 1.45 -7.96 -8.42
N VAL A 185 1.59 -8.43 -9.66
CA VAL A 185 2.92 -8.62 -10.23
C VAL A 185 3.60 -7.27 -10.43
N VAL A 186 2.84 -6.26 -10.85
CA VAL A 186 3.39 -4.92 -10.98
C VAL A 186 3.82 -4.39 -9.62
N GLN A 187 2.99 -4.61 -8.59
CA GLN A 187 3.33 -4.14 -7.25
C GLN A 187 4.58 -4.85 -6.72
N THR A 188 4.71 -6.15 -7.00
CA THR A 188 5.85 -6.89 -6.48
C THR A 188 7.15 -6.45 -7.15
N VAL A 189 7.13 -6.25 -8.47
CA VAL A 189 8.32 -5.79 -9.17
C VAL A 189 8.77 -4.44 -8.64
N LEU A 190 7.82 -3.53 -8.42
CA LEU A 190 8.17 -2.22 -7.87
C LEU A 190 8.63 -2.31 -6.42
N TYR A 191 8.13 -3.30 -5.67
CA TYR A 191 8.51 -3.42 -4.27
C TYR A 191 9.92 -3.97 -4.11
N CYS A 192 10.36 -4.75 -5.08
CA CYS A 192 11.72 -5.31 -5.16
C CYS A 192 12.66 -4.19 -5.53
N ASP A 193 12.21 -3.28 -6.38
CA ASP A 193 12.95 -2.07 -6.67
C ASP A 193 13.07 -1.19 -5.43
N PHE A 194 12.03 -1.17 -4.60
CA PHE A 194 12.11 -0.55 -3.29
C PHE A 194 13.20 -1.21 -2.44
N PHE A 195 13.18 -2.54 -2.36
CA PHE A 195 14.18 -3.24 -1.54
C PHE A 195 15.57 -3.08 -2.13
N TYR A 196 15.70 -3.15 -3.46
CA TYR A 196 17.00 -3.00 -4.08
C TYR A 196 17.57 -1.61 -3.85
N LEU A 197 16.73 -0.57 -4.02
CA LEU A 197 17.20 0.80 -3.79
C LEU A 197 17.62 1.00 -2.34
N TYR A 198 16.91 0.39 -1.40
CA TYR A 198 17.25 0.53 0.01
C TYR A 198 18.62 -0.10 0.29
N VAL A 199 18.84 -1.31 -0.21
CA VAL A 199 20.11 -2.00 0.05
C VAL A 199 21.26 -1.27 -0.64
N THR A 200 21.06 -0.85 -1.89
CA THR A 200 22.15 -0.30 -2.68
C THR A 200 22.44 1.17 -2.37
N LYS A 201 21.42 1.95 -2.02
CA LYS A 201 21.59 3.38 -1.81
C LYS A 201 21.44 3.82 -0.36
N VAL A 202 20.46 3.29 0.36
CA VAL A 202 20.25 3.67 1.76
C VAL A 202 21.17 2.86 2.66
N LEU A 203 20.90 1.57 2.76
CA LEU A 203 21.68 0.69 3.65
C LEU A 203 23.00 0.28 3.00
C18 OLC B . -27.98 -0.24 9.11
C10 OLC B . -19.91 3.64 9.26
C9 OLC B . -18.66 4.05 9.48
C17 OLC B . -26.74 0.14 8.31
C11 OLC B . -20.30 2.22 9.02
C8 OLC B . -17.47 3.15 9.55
C16 OLC B . -26.01 1.31 8.96
C12 OLC B . -21.80 2.06 9.28
C7 OLC B . -16.30 3.91 10.19
C15 OLC B . -24.69 1.62 8.25
C13 OLC B . -22.62 3.05 8.44
C6 OLC B . -16.78 4.74 11.38
C14 OLC B . -24.10 2.93 8.78
C5 OLC B . -15.60 5.21 12.23
C4 OLC B . -15.05 4.05 13.08
C3 OLC B . -13.98 4.59 14.04
C18 OLC C . -13.33 -23.05 5.99
C10 OLC C . -4.40 -24.02 6.29
C9 OLC C . -3.47 -24.93 6.55
C17 OLC C . -12.03 -23.73 5.58
C11 OLC C . -4.62 -23.42 4.94
C8 OLC C . -2.54 -25.47 5.51
C24 OLC C . 10.56 -23.45 4.93
C16 OLC C . -10.91 -22.70 5.36
C12 OLC C . -5.88 -22.54 4.94
C7 OLC C . -1.08 -25.44 5.99
C15 OLC C . -9.63 -23.44 4.98
C13 OLC C . -7.14 -23.40 4.93
C6 OLC C . -0.17 -25.94 4.88
C14 OLC C . -8.40 -22.53 5.01
C5 OLC C . 1.26 -26.20 5.37
C4 OLC C . 2.13 -24.93 5.40
C3 OLC C . 3.61 -25.36 5.41
C2 OLC C . 4.55 -24.15 5.43
C21 OLC C . 8.12 -23.90 4.49
C1 OLC C . 5.89 -24.56 4.86
C22 OLC C . 9.10 -23.01 5.29
O19 OLC C . 6.18 -25.61 4.32
O25 OLC C . 10.42 -24.50 4.02
O23 OLC C . 8.90 -21.66 5.04
O20 OLC C . 6.83 -23.59 5.00
C18 OLC D . 15.44 10.95 -9.36
C10 OLC D . 8.68 7.26 -12.25
C9 OLC D . 8.34 6.86 -13.46
C17 OLC D . 14.28 10.31 -10.10
C11 OLC D . 9.23 6.35 -11.21
C8 OLC D . 8.48 5.43 -13.92
C24 OLC D . 1.37 -2.80 -18.13
C16 OLC D . 13.88 9.00 -9.42
C12 OLC D . 10.26 7.00 -10.32
C7 OLC D . 7.38 5.14 -14.95
C15 OLC D . 12.83 8.27 -10.24
C13 OLC D . 11.54 6.18 -10.48
C6 OLC D . 6.27 4.29 -14.31
C14 OLC D . 12.67 6.84 -9.73
C5 OLC D . 6.78 2.85 -14.16
C4 OLC D . 5.75 1.99 -13.42
C3 OLC D . 4.39 2.13 -14.11
C2 OLC D . 4.33 1.30 -15.40
C21 OLC D . 1.73 -1.20 -16.23
C1 OLC D . 3.38 0.15 -15.18
C22 OLC D . 2.39 -2.33 -17.06
O19 OLC D . 3.21 -0.50 -14.17
O25 OLC D . 0.80 -3.96 -17.60
O23 OLC D . 3.59 -1.91 -17.63
O20 OLC D . 2.67 -0.13 -16.30
#